data_6PRF
#
_entry.id   6PRF
#
_cell.length_a   60.565
_cell.length_b   60.565
_cell.length_c   85.139
_cell.angle_alpha   90.000
_cell.angle_beta   90.000
_cell.angle_gamma   120.000
#
_symmetry.space_group_name_H-M   'P 61'
#
loop_
_entity.id
_entity.type
_entity.pdbx_description
1 polymer Protease
2 non-polymer 'YTTRIUM ION'
3 non-polymer '(3S,3aR,5R,7aS,8S)-hexahydro-4H-3,5-methanofuro[2,3-b]pyran-8-yl [(2S,3R)-4-[{[2-(cyclopropylamino)-1,3-benzothiazol-6-yl]sulfonyl}(2-methylpropyl)amino]-1-(3,5-difluorophenyl)-3-hydroxybutan-2-yl]carbamate'
4 water water
#
_entity_poly.entity_id   1
_entity_poly.type   'polypeptide(L)'
_entity_poly.pdbx_seq_one_letter_code
;PQITLWKRPFVTVKVGGQLKEALLDTGADNTIFEDINLPGRWKPKMVGGIGGFLKVREYDQVPIEIAGHKVIGTVLVGPT
PVNVIGRDTMTQIGATLNF
;
_entity_poly.pdbx_strand_id   A,B
#
# COMPACT_ATOMS: atom_id res chain seq x y z
N PRO A 1 -1.06 14.90 11.66
CA PRO A 1 -1.72 15.67 10.57
C PRO A 1 -2.91 14.95 9.93
N GLN A 2 -3.71 15.63 9.12
CA GLN A 2 -4.66 15.03 8.18
C GLN A 2 -4.13 15.36 6.78
N ILE A 3 -4.11 14.35 5.89
CA ILE A 3 -3.70 14.56 4.49
C ILE A 3 -4.75 14.00 3.54
N THR A 4 -4.89 14.68 2.39
CA THR A 4 -5.58 14.10 1.25
C THR A 4 -4.61 13.19 0.50
N LEU A 5 -5.10 12.61 -0.60
CA LEU A 5 -4.34 11.58 -1.30
C LEU A 5 -4.07 11.99 -2.73
N TRP A 6 -4.12 13.28 -3.03
CA TRP A 6 -3.73 13.79 -4.34
C TRP A 6 -2.25 13.57 -4.62
N LYS A 7 -1.42 13.76 -3.56
N LYS A 7 -1.40 13.49 -3.61
CA LYS A 7 0.05 13.50 -3.52
CA LYS A 7 -0.05 13.06 -3.94
C LYS A 7 0.32 12.04 -3.02
C LYS A 7 0.26 11.83 -3.12
N ARG A 8 1.38 11.26 -3.47
CA ARG A 8 1.80 10.06 -2.71
CA ARG A 8 1.80 10.07 -2.72
C ARG A 8 2.08 10.46 -1.27
N PRO A 9 1.57 9.71 -0.27
CA PRO A 9 1.66 10.12 1.13
C PRO A 9 3.00 9.77 1.77
N PHE A 10 4.07 10.40 1.32
CA PHE A 10 5.37 10.26 1.96
C PHE A 10 5.42 11.03 3.26
N VAL A 11 6.14 10.43 4.20
CA VAL A 11 6.49 11.08 5.46
C VAL A 11 8.00 10.86 5.69
N THR A 12 8.58 11.76 6.44
CA THR A 12 9.99 11.67 6.84
C THR A 12 10.04 10.96 8.16
N VAL A 13 10.95 9.97 8.26
CA VAL A 13 11.09 9.20 9.48
C VAL A 13 12.56 9.08 9.84
N LYS A 14 12.78 8.77 11.10
CA LYS A 14 14.13 8.38 11.55
C LYS A 14 13.97 6.94 12.03
N VAL A 15 14.71 6.01 11.40
CA VAL A 15 14.57 4.58 11.69
C VAL A 15 15.98 4.09 12.00
N GLY A 16 16.14 3.54 13.21
CA GLY A 16 17.47 3.15 13.65
C GLY A 16 18.52 4.26 13.47
N GLY A 17 18.13 5.50 13.71
CA GLY A 17 19.16 6.56 13.63
C GLY A 17 19.36 7.16 12.25
N GLN A 18 18.69 6.60 11.22
CA GLN A 18 18.90 7.00 9.83
C GLN A 18 17.66 7.75 9.37
N LEU A 19 17.85 8.81 8.56
CA LEU A 19 16.71 9.60 8.07
C LEU A 19 16.29 9.03 6.73
N LYS A 20 14.96 8.79 6.59
CA LYS A 20 14.45 8.20 5.34
C LYS A 20 13.09 8.80 5.04
N GLU A 21 12.66 8.70 3.78
CA GLU A 21 11.27 8.97 3.47
C GLU A 21 10.58 7.64 3.17
N ALA A 22 9.30 7.56 3.53
CA ALA A 22 8.55 6.31 3.35
C ALA A 22 7.08 6.63 3.16
N LEU A 23 6.50 5.82 2.31
N LEU A 23 6.30 5.74 2.52
CA LEU A 23 5.13 5.93 1.89
CA LEU A 23 4.87 5.97 2.34
C LEU A 23 4.21 5.35 2.98
C LEU A 23 4.07 5.56 3.57
N LEU A 24 3.24 6.13 3.55
N LEU A 24 3.07 6.36 3.93
CA LEU A 24 2.28 5.71 4.60
CA LEU A 24 1.94 5.79 4.64
C LEU A 24 1.19 4.87 3.95
C LEU A 24 1.25 4.82 3.67
N ASP A 25 1.30 3.53 4.03
CA ASP A 25 0.73 2.55 3.11
C ASP A 25 -0.26 1.65 3.81
N THR A 26 -1.54 1.96 3.68
CA THR A 26 -2.56 1.19 4.35
C THR A 26 -2.69 -0.21 3.75
N GLY A 27 -2.12 -0.45 2.55
CA GLY A 27 -2.07 -1.77 1.94
C GLY A 27 -0.90 -2.61 2.37
N ALA A 28 -0.04 -2.10 3.27
CA ALA A 28 1.13 -2.85 3.71
C ALA A 28 0.89 -3.30 5.16
N ASP A 29 1.02 -4.62 5.41
CA ASP A 29 0.92 -5.11 6.79
C ASP A 29 2.13 -4.67 7.59
N ASN A 30 3.31 -4.74 6.97
CA ASN A 30 4.57 -4.51 7.65
CA ASN A 30 4.60 -4.55 7.61
C ASN A 30 5.29 -3.31 7.07
N THR A 31 6.26 -2.82 7.83
CA THR A 31 7.08 -1.66 7.51
C THR A 31 8.40 -2.16 6.93
N ILE A 32 8.77 -1.62 5.78
CA ILE A 32 9.92 -2.12 5.02
C ILE A 32 10.77 -0.96 4.53
N PHE A 33 12.08 -1.07 4.76
N PHE A 33 12.08 -1.03 4.79
CA PHE A 33 13.06 -0.11 4.25
CA PHE A 33 13.02 -0.08 4.23
C PHE A 33 14.17 -0.82 3.48
C PHE A 33 14.08 -0.83 3.43
N GLU A 34 14.66 -0.10 2.45
CA GLU A 34 15.89 -0.48 1.77
C GLU A 34 17.03 0.39 2.31
N ASP A 35 18.21 -0.17 2.28
CA ASP A 35 19.42 0.61 2.50
C ASP A 35 19.45 1.30 3.85
N ILE A 36 19.15 0.51 4.86
CA ILE A 36 19.43 0.90 6.21
C ILE A 36 20.18 -0.23 6.84
N ASN A 37 20.98 0.15 7.85
CA ASN A 37 21.59 -0.95 8.58
CA ASN A 37 21.71 -0.86 8.60
C ASN A 37 21.22 -0.85 10.05
N LEU A 38 20.85 -2.02 10.55
CA LEU A 38 20.35 -2.16 11.89
C LEU A 38 21.20 -3.17 12.61
N PRO A 39 21.39 -2.94 13.91
CA PRO A 39 22.26 -3.83 14.68
C PRO A 39 21.54 -5.08 15.17
N GLY A 40 22.34 -6.07 15.49
CA GLY A 40 21.87 -7.22 16.26
C GLY A 40 21.27 -8.31 15.36
N ARG A 41 20.68 -9.29 16.05
CA ARG A 41 20.08 -10.47 15.43
C ARG A 41 18.84 -10.11 14.59
N TRP A 42 18.64 -10.94 13.59
CA TRP A 42 17.49 -10.78 12.71
C TRP A 42 17.06 -12.18 12.26
N LYS A 43 15.87 -12.29 11.68
N LYS A 43 15.87 -12.23 11.65
CA LYS A 43 15.40 -13.55 11.12
CA LYS A 43 15.32 -13.46 11.08
C LYS A 43 15.03 -13.38 9.64
C LYS A 43 15.11 -13.31 9.58
N PRO A 44 15.35 -14.36 8.77
CA PRO A 44 15.00 -14.30 7.34
C PRO A 44 13.49 -14.30 7.21
N LYS A 45 12.96 -13.47 6.31
N LYS A 45 12.97 -13.55 6.21
CA LYS A 45 11.62 -13.70 5.87
CA LYS A 45 11.53 -13.48 5.87
C LYS A 45 11.72 -13.62 4.35
C LYS A 45 11.35 -13.08 4.40
N MET A 46 10.79 -14.28 3.64
N MET A 46 10.20 -13.44 3.80
CA MET A 46 10.46 -13.85 2.28
CA MET A 46 9.82 -13.01 2.45
C MET A 46 9.04 -13.28 2.29
C MET A 46 8.48 -12.27 2.50
N VAL A 47 8.78 -12.14 1.61
N VAL A 47 8.38 -11.24 1.67
CA VAL A 47 7.47 -11.46 1.62
CA VAL A 47 7.09 -10.59 1.60
C VAL A 47 6.86 -11.12 0.22
C VAL A 47 6.72 -10.61 0.15
N GLY A 48 5.49 -11.03 -0.01
CA GLY A 48 4.91 -11.01 -1.36
C GLY A 48 4.21 -9.70 -1.64
N GLY A 49 4.33 -9.35 -2.91
CA GLY A 49 3.71 -8.15 -3.37
C GLY A 49 3.11 -8.44 -4.71
N ILE A 50 2.82 -7.33 -5.41
N ILE A 50 2.84 -7.39 -5.48
CA ILE A 50 2.50 -7.36 -6.81
CA ILE A 50 2.05 -7.69 -6.65
C ILE A 50 3.80 -7.64 -7.56
C ILE A 50 2.92 -8.47 -7.64
N GLY A 51 3.67 -8.63 -8.46
N GLY A 51 4.25 -8.37 -7.57
CA GLY A 51 4.75 -9.17 -9.27
CA GLY A 51 5.10 -8.63 -8.72
C GLY A 51 5.70 -10.20 -8.64
C GLY A 51 5.98 -9.83 -8.42
N GLY A 52 5.62 -10.47 -7.33
CA GLY A 52 6.48 -11.53 -6.82
C GLY A 52 6.81 -11.33 -5.38
N PHE A 53 8.01 -11.74 -4.99
CA PHE A 53 8.35 -11.68 -3.59
CA PHE A 53 8.38 -11.77 -3.58
C PHE A 53 9.64 -10.91 -3.43
N LEU A 54 9.88 -10.46 -2.20
CA LEU A 54 11.07 -9.72 -1.78
C LEU A 54 11.70 -10.49 -0.60
N LYS A 55 13.01 -10.74 -0.67
CA LYS A 55 13.76 -11.33 0.45
C LYS A 55 14.15 -10.20 1.43
N VAL A 56 13.85 -10.36 2.73
CA VAL A 56 14.16 -9.34 3.73
C VAL A 56 14.75 -9.95 5.00
N ARG A 57 15.34 -9.08 5.80
CA ARG A 57 15.74 -9.39 7.16
C ARG A 57 14.74 -8.75 8.11
N GLU A 58 14.23 -9.48 9.09
CA GLU A 58 13.28 -8.96 10.05
C GLU A 58 14.00 -8.62 11.35
N TYR A 59 13.95 -7.34 11.73
CA TYR A 59 14.48 -6.86 13.02
C TYR A 59 13.33 -6.49 13.95
N ASP A 60 13.40 -6.88 15.23
CA ASP A 60 12.38 -6.56 16.21
C ASP A 60 12.85 -5.36 17.08
N GLN A 61 11.87 -4.64 17.65
CA GLN A 61 12.20 -3.64 18.66
C GLN A 61 13.15 -2.56 18.13
N VAL A 62 12.89 -2.06 16.90
CA VAL A 62 13.63 -1.02 16.21
CA VAL A 62 13.66 -1.01 16.25
C VAL A 62 12.95 0.32 16.52
N PRO A 63 13.76 1.40 16.76
N PRO A 63 13.60 1.27 17.17
CA PRO A 63 13.18 2.72 16.98
CA PRO A 63 13.00 2.61 17.34
C PRO A 63 12.75 3.37 15.67
C PRO A 63 12.77 3.31 15.99
N ILE A 64 11.52 3.90 15.68
N ILE A 64 11.55 3.87 15.80
CA ILE A 64 10.99 4.61 14.54
CA ILE A 64 11.12 4.57 14.58
C ILE A 64 10.45 5.91 15.11
C ILE A 64 10.41 5.86 14.99
N GLU A 65 10.94 7.02 14.57
CA GLU A 65 10.33 8.31 14.90
C GLU A 65 9.51 8.74 13.70
N ILE A 66 8.24 8.97 13.95
CA ILE A 66 7.29 9.18 12.87
CA ILE A 66 7.32 9.26 12.86
C ILE A 66 6.17 10.10 13.42
N ALA A 67 5.92 11.20 12.72
CA ALA A 67 4.74 12.04 12.93
C ALA A 67 4.72 12.51 14.40
N GLY A 68 5.90 12.79 14.95
CA GLY A 68 5.98 13.39 16.27
C GLY A 68 5.95 12.34 17.38
N HIS A 69 5.86 11.04 16.99
CA HIS A 69 5.83 9.93 17.92
C HIS A 69 7.14 9.17 17.84
N LYS A 70 7.45 8.53 18.93
CA LYS A 70 8.51 7.57 18.88
C LYS A 70 7.85 6.26 19.25
N VAL A 71 8.04 5.32 18.38
CA VAL A 71 7.51 3.99 18.58
CA VAL A 71 7.54 4.00 18.69
C VAL A 71 8.67 3.01 18.44
N ILE A 72 8.48 1.80 18.99
CA ILE A 72 9.40 0.71 18.77
C ILE A 72 8.60 -0.33 18.00
N GLY A 73 9.16 -0.89 16.97
CA GLY A 73 8.40 -1.84 16.19
C GLY A 73 9.32 -2.77 15.41
N THR A 74 8.70 -3.68 14.69
CA THR A 74 9.36 -4.56 13.75
C THR A 74 9.59 -3.82 12.45
N VAL A 75 10.80 -3.98 11.93
CA VAL A 75 11.20 -3.41 10.64
CA VAL A 75 11.10 -3.42 10.63
CA VAL A 75 11.22 -3.39 10.66
C VAL A 75 11.75 -4.49 9.78
N LEU A 76 11.29 -4.56 8.51
CA LEU A 76 11.90 -5.45 7.53
C LEU A 76 12.85 -4.65 6.67
N VAL A 77 14.03 -5.23 6.38
CA VAL A 77 15.00 -4.54 5.54
CA VAL A 77 15.06 -4.58 5.59
C VAL A 77 15.29 -5.38 4.31
N GLY A 78 15.11 -4.77 3.15
CA GLY A 78 15.42 -5.45 1.91
C GLY A 78 15.15 -4.49 0.75
N PRO A 79 15.44 -4.91 -0.50
CA PRO A 79 15.54 -3.98 -1.66
C PRO A 79 14.21 -3.57 -2.28
N THR A 80 13.28 -3.07 -1.47
CA THR A 80 12.01 -2.57 -1.95
C THR A 80 12.28 -1.32 -2.79
N PRO A 81 11.47 -1.10 -3.86
CA PRO A 81 11.58 0.10 -4.70
C PRO A 81 11.24 1.38 -3.95
N VAL A 82 10.37 1.24 -2.91
CA VAL A 82 9.86 2.38 -2.15
C VAL A 82 9.80 1.92 -0.68
N ASN A 83 10.25 2.76 0.23
CA ASN A 83 10.12 2.41 1.64
C ASN A 83 8.65 2.57 2.02
N VAL A 84 8.14 1.67 2.87
CA VAL A 84 6.74 1.73 3.26
C VAL A 84 6.57 1.65 4.77
N ILE A 85 5.68 2.48 5.28
CA ILE A 85 5.20 2.39 6.64
C ILE A 85 3.91 1.60 6.62
N GLY A 86 3.90 0.43 7.24
CA GLY A 86 2.74 -0.43 7.22
C GLY A 86 1.83 -0.26 8.42
N ARG A 87 0.79 -1.09 8.44
CA ARG A 87 -0.20 -0.98 9.52
C ARG A 87 0.38 -1.29 10.89
N ASP A 88 1.44 -2.10 10.94
N ASP A 88 1.37 -2.18 10.98
CA ASP A 88 2.12 -2.46 12.18
CA ASP A 88 1.96 -2.36 12.29
C ASP A 88 2.74 -1.24 12.88
C ASP A 88 2.35 -1.02 12.88
N THR A 89 3.12 -0.20 12.12
CA THR A 89 3.57 1.06 12.68
C THR A 89 2.41 2.07 12.80
N MET A 90 1.55 2.10 11.77
CA MET A 90 0.49 3.13 11.79
C MET A 90 -0.50 2.90 12.94
N THR A 91 -0.78 1.66 13.31
CA THR A 91 -1.66 1.42 14.48
C THR A 91 -1.06 2.00 15.74
N GLN A 92 0.26 2.04 15.86
CA GLN A 92 0.91 2.53 17.07
C GLN A 92 0.76 4.03 17.18
N ILE A 93 0.44 4.75 16.09
CA ILE A 93 0.27 6.19 16.17
C ILE A 93 -1.21 6.53 15.99
N GLY A 94 -2.10 5.51 16.04
CA GLY A 94 -3.54 5.78 16.05
C GLY A 94 -4.10 6.26 14.70
N ALA A 95 -3.44 5.88 13.60
CA ALA A 95 -3.84 6.41 12.29
C ALA A 95 -5.20 5.87 11.84
N THR A 96 -5.99 6.71 11.15
CA THR A 96 -7.28 6.32 10.64
C THR A 96 -7.39 6.78 9.18
N LEU A 97 -8.27 6.07 8.48
CA LEU A 97 -8.70 6.39 7.11
CA LEU A 97 -8.64 6.53 7.17
C LEU A 97 -10.12 6.91 7.18
N ASN A 98 -10.38 8.03 6.51
N ASN A 98 -10.38 8.05 6.55
CA ASN A 98 -11.72 8.63 6.42
CA ASN A 98 -11.75 8.51 6.36
C ASN A 98 -12.14 8.56 4.95
C ASN A 98 -12.05 8.37 4.88
N PHE A 99 -13.26 7.89 4.60
CA PHE A 99 -13.67 7.73 3.19
C PHE A 99 -15.19 7.80 3.10
N PRO B 1 -17.23 6.42 5.96
CA PRO B 1 -16.82 5.86 7.27
C PRO B 1 -15.44 6.31 7.70
N GLN B 2 -15.11 6.22 8.97
CA GLN B 2 -13.77 6.31 9.54
CA GLN B 2 -13.74 6.27 9.44
C GLN B 2 -13.39 4.89 9.97
N ILE B 3 -12.18 4.41 9.63
CA ILE B 3 -11.70 3.12 10.11
C ILE B 3 -10.31 3.25 10.70
N THR B 4 -10.04 2.43 11.73
CA THR B 4 -8.67 2.22 12.18
C THR B 4 -8.03 1.18 11.30
N LEU B 5 -6.76 0.85 11.61
CA LEU B 5 -5.95 0.02 10.72
C LEU B 5 -5.51 -1.25 11.42
N TRP B 6 -6.21 -1.64 12.48
CA TRP B 6 -5.95 -2.91 13.15
C TRP B 6 -6.27 -4.09 12.24
N LYS B 7 -7.28 -3.94 11.39
CA LYS B 7 -7.57 -4.96 10.39
C LYS B 7 -7.09 -4.47 9.00
N ARG B 8 -6.85 -5.39 8.00
CA ARG B 8 -6.64 -4.94 6.62
CA ARG B 8 -6.65 -4.96 6.61
C ARG B 8 -7.89 -4.20 6.15
N PRO B 9 -7.75 -3.04 5.52
CA PRO B 9 -8.91 -2.19 5.20
C PRO B 9 -9.59 -2.59 3.89
N PHE B 10 -10.21 -3.77 3.88
CA PHE B 10 -11.03 -4.20 2.77
C PHE B 10 -12.34 -3.45 2.75
N VAL B 11 -12.80 -3.19 1.52
CA VAL B 11 -14.15 -2.67 1.27
C VAL B 11 -14.76 -3.50 0.14
N THR B 12 -16.07 -3.55 0.13
CA THR B 12 -16.82 -4.22 -0.92
C THR B 12 -17.13 -3.18 -2.00
N VAL B 13 -16.89 -3.57 -3.25
CA VAL B 13 -17.12 -2.68 -4.36
C VAL B 13 -17.86 -3.42 -5.46
N LYS B 14 -18.48 -2.64 -6.32
CA LYS B 14 -19.03 -3.18 -7.57
C LYS B 14 -18.26 -2.50 -8.68
N VAL B 15 -17.58 -3.30 -9.49
CA VAL B 15 -16.69 -2.76 -10.54
C VAL B 15 -17.13 -3.40 -11.85
N GLY B 16 -17.52 -2.57 -12.80
CA GLY B 16 -18.08 -3.13 -14.04
C GLY B 16 -19.18 -4.16 -13.82
N GLY B 17 -20.01 -3.95 -12.82
CA GLY B 17 -21.15 -4.89 -12.63
C GLY B 17 -20.82 -6.10 -11.76
N GLN B 18 -19.56 -6.25 -11.34
CA GLN B 18 -19.08 -7.45 -10.63
C GLN B 18 -18.81 -7.05 -9.19
N LEU B 19 -19.15 -7.93 -8.23
CA LEU B 19 -18.94 -7.64 -6.82
C LEU B 19 -17.59 -8.20 -6.43
N LYS B 20 -16.76 -7.34 -5.77
CA LYS B 20 -15.41 -7.76 -5.38
C LYS B 20 -15.09 -7.12 -4.03
N GLU B 21 -14.11 -7.69 -3.34
CA GLU B 21 -13.50 -6.99 -2.21
C GLU B 21 -12.13 -6.48 -2.61
N ALA B 22 -11.75 -5.35 -2.06
CA ALA B 22 -10.46 -4.74 -2.43
C ALA B 22 -9.94 -3.89 -1.26
N LEU B 23 -8.64 -3.80 -1.17
CA LEU B 23 -7.99 -3.13 -0.09
CA LEU B 23 -7.96 -3.08 -0.10
C LEU B 23 -7.93 -1.60 -0.40
N LEU B 24 -8.38 -0.68 0.52
N LEU B 24 -8.35 -0.80 0.59
CA LEU B 24 -8.20 0.79 0.36
CA LEU B 24 -8.03 0.63 0.55
C LEU B 24 -6.74 1.11 0.67
C LEU B 24 -6.52 0.72 0.68
N ASP B 25 -5.89 1.26 -0.37
CA ASP B 25 -4.44 1.17 -0.35
C ASP B 25 -3.79 2.49 -0.71
N THR B 26 -3.40 3.25 0.32
CA THR B 26 -2.83 4.56 0.09
C THR B 26 -1.46 4.46 -0.57
N GLY B 27 -0.84 3.27 -0.56
CA GLY B 27 0.42 3.05 -1.26
C GLY B 27 0.25 2.69 -2.74
N ALA B 28 -0.99 2.63 -3.22
CA ALA B 28 -1.20 2.27 -4.64
C ALA B 28 -1.64 3.53 -5.39
N ASP B 29 -0.95 3.85 -6.49
CA ASP B 29 -1.37 4.96 -7.33
C ASP B 29 -2.67 4.60 -8.06
N ASN B 30 -2.74 3.37 -8.55
CA ASN B 30 -3.79 2.88 -9.44
CA ASN B 30 -3.84 2.96 -9.41
C ASN B 30 -4.63 1.81 -8.76
N THR B 31 -5.81 1.64 -9.29
CA THR B 31 -6.76 0.62 -8.82
C THR B 31 -6.64 -0.61 -9.71
N ILE B 32 -6.49 -1.79 -9.09
CA ILE B 32 -6.18 -3.02 -9.81
C ILE B 32 -7.05 -4.15 -9.30
N PHE B 33 -7.67 -4.87 -10.23
CA PHE B 33 -8.43 -6.07 -9.92
CA PHE B 33 -8.42 -6.07 -9.90
C PHE B 33 -7.96 -7.25 -10.75
N GLU B 34 -8.06 -8.43 -10.14
CA GLU B 34 -7.94 -9.72 -10.83
C GLU B 34 -9.33 -10.27 -11.12
N ASP B 35 -9.42 -11.00 -12.22
CA ASP B 35 -10.59 -11.84 -12.43
C ASP B 35 -11.87 -11.03 -12.50
N ILE B 36 -11.81 -9.98 -13.31
CA ILE B 36 -13.00 -9.29 -13.77
C ILE B 36 -12.88 -9.18 -15.26
N ASN B 37 -14.06 -9.08 -15.88
CA ASN B 37 -14.08 -8.90 -17.32
CA ASN B 37 -14.00 -8.84 -17.31
C ASN B 37 -14.74 -7.54 -17.60
N LEU B 38 -14.08 -6.71 -18.41
CA LEU B 38 -14.58 -5.40 -18.72
C LEU B 38 -14.66 -5.33 -20.23
N PRO B 39 -15.66 -4.60 -20.71
CA PRO B 39 -15.87 -4.51 -22.16
C PRO B 39 -15.00 -3.44 -22.82
N GLY B 40 -14.85 -3.57 -24.11
CA GLY B 40 -14.29 -2.51 -24.95
C GLY B 40 -12.76 -2.54 -25.01
N ARG B 41 -12.23 -1.46 -25.60
CA ARG B 41 -10.80 -1.34 -25.84
C ARG B 41 -10.03 -1.11 -24.53
N TRP B 42 -8.78 -1.51 -24.60
CA TRP B 42 -7.89 -1.36 -23.45
C TRP B 42 -6.49 -1.13 -23.99
N LYS B 43 -5.59 -0.70 -23.13
CA LYS B 43 -4.18 -0.53 -23.47
C LYS B 43 -3.33 -1.39 -22.55
N PRO B 44 -2.21 -1.89 -23.08
N PRO B 44 -2.32 -2.14 -23.07
CA PRO B 44 -1.24 -2.57 -22.22
CA PRO B 44 -1.52 -3.03 -22.21
C PRO B 44 -0.49 -1.60 -21.30
C PRO B 44 -0.51 -2.17 -21.43
N LYS B 45 -0.24 -2.11 -20.11
N LYS B 45 -0.32 -2.48 -20.14
CA LYS B 45 0.64 -1.43 -19.20
CA LYS B 45 0.53 -1.70 -19.26
C LYS B 45 1.40 -2.53 -18.45
C LYS B 45 1.24 -2.66 -18.29
N MET B 46 2.71 -2.38 -18.34
N MET B 46 2.18 -2.09 -17.50
CA MET B 46 3.36 -3.18 -17.32
CA MET B 46 2.94 -2.80 -16.49
C MET B 46 3.52 -2.31 -16.07
C MET B 46 2.96 -1.99 -15.19
N VAL B 47 3.22 -2.89 -14.91
N VAL B 47 2.85 -2.72 -14.12
CA VAL B 47 3.26 -2.14 -13.64
CA VAL B 47 3.01 -1.96 -12.91
C VAL B 47 4.02 -2.81 -12.47
C VAL B 47 4.03 -2.65 -12.05
N GLY B 48 4.63 -2.03 -11.54
N GLY B 48 4.85 -1.84 -11.37
CA GLY B 48 5.65 -2.58 -10.65
CA GLY B 48 5.92 -2.36 -10.54
C GLY B 48 5.32 -2.47 -9.16
C GLY B 48 5.47 -2.38 -9.10
N GLY B 49 5.81 -3.46 -8.40
CA GLY B 49 5.53 -3.55 -7.00
C GLY B 49 6.79 -4.01 -6.31
N ILE B 50 6.52 -4.58 -5.13
N ILE B 50 6.71 -4.52 -5.06
CA ILE B 50 7.59 -5.14 -4.36
CA ILE B 50 7.88 -4.63 -4.19
C ILE B 50 8.12 -6.41 -5.00
C ILE B 50 9.01 -5.51 -4.73
N GLY B 51 7.32 -7.21 -5.69
N GLY B 51 8.64 -6.52 -5.55
CA GLY B 51 8.00 -8.47 -6.00
CA GLY B 51 9.47 -7.60 -6.07
C GLY B 51 8.56 -8.56 -7.42
C GLY B 51 9.22 -7.92 -7.54
N GLY B 52 8.52 -7.44 -8.12
N GLY B 52 8.80 -6.92 -8.29
CA GLY B 52 8.62 -7.44 -9.56
CA GLY B 52 8.88 -7.10 -9.72
C GLY B 52 7.49 -6.64 -10.17
C GLY B 52 7.76 -6.36 -10.40
N PHE B 53 7.17 -7.00 -11.42
CA PHE B 53 6.20 -6.27 -12.22
CA PHE B 53 6.15 -6.28 -12.16
C PHE B 53 4.98 -7.21 -12.42
N LEU B 54 3.83 -6.59 -12.74
CA LEU B 54 2.57 -7.26 -13.05
C LEU B 54 2.17 -6.74 -14.44
N LYS B 55 1.81 -7.64 -15.35
CA LYS B 55 1.26 -7.23 -16.64
C LYS B 55 -0.25 -7.02 -16.49
N VAL B 56 -0.77 -5.90 -16.98
CA VAL B 56 -2.20 -5.60 -16.85
C VAL B 56 -2.78 -5.04 -18.14
N ARG B 57 -4.11 -5.01 -18.20
CA ARG B 57 -4.87 -4.28 -19.19
C ARG B 57 -5.44 -3.05 -18.54
N GLU B 58 -5.29 -1.87 -19.16
CA GLU B 58 -5.82 -0.63 -18.60
C GLU B 58 -7.12 -0.27 -19.33
N TYR B 59 -8.20 -0.17 -18.55
CA TYR B 59 -9.53 0.27 -19.03
C TYR B 59 -9.85 1.65 -18.48
N ASP B 60 -10.35 2.56 -19.32
CA ASP B 60 -10.72 3.90 -18.91
C ASP B 60 -12.24 3.97 -18.66
N GLN B 61 -12.66 4.94 -17.83
CA GLN B 61 -14.07 5.28 -17.72
C GLN B 61 -14.92 4.05 -17.32
N VAL B 62 -14.44 3.29 -16.33
CA VAL B 62 -15.08 2.10 -15.72
C VAL B 62 -15.91 2.53 -14.53
N PRO B 63 -17.21 2.24 -14.46
N PRO B 63 -17.14 1.96 -14.33
CA PRO B 63 -17.97 2.50 -13.24
CA PRO B 63 -17.96 2.25 -13.16
C PRO B 63 -17.50 1.64 -12.06
C PRO B 63 -17.47 1.50 -11.94
N ILE B 64 -17.30 2.30 -10.90
CA ILE B 64 -16.92 1.70 -9.63
CA ILE B 64 -16.86 1.78 -9.61
C ILE B 64 -17.87 2.27 -8.58
N GLU B 65 -18.54 1.37 -7.88
CA GLU B 65 -19.37 1.77 -6.74
C GLU B 65 -18.62 1.45 -5.46
N ILE B 66 -18.39 2.47 -4.66
CA ILE B 66 -17.51 2.32 -3.51
C ILE B 66 -17.97 3.31 -2.44
N ALA B 67 -18.22 2.81 -1.24
CA ALA B 67 -18.44 3.63 -0.05
C ALA B 67 -19.61 4.60 -0.28
N GLY B 68 -20.63 4.16 -1.03
CA GLY B 68 -21.86 4.91 -1.15
C GLY B 68 -21.78 5.86 -2.35
N HIS B 69 -20.62 5.85 -3.05
CA HIS B 69 -20.40 6.75 -4.15
C HIS B 69 -20.36 5.92 -5.42
N LYS B 70 -20.67 6.59 -6.52
CA LYS B 70 -20.45 5.99 -7.79
C LYS B 70 -19.48 6.93 -8.47
N VAL B 71 -18.40 6.34 -8.90
CA VAL B 71 -17.44 7.13 -9.64
C VAL B 71 -17.12 6.35 -10.91
N ILE B 72 -16.51 7.08 -11.84
CA ILE B 72 -16.01 6.52 -13.08
CA ILE B 72 -15.98 6.37 -12.97
C ILE B 72 -14.49 6.70 -13.02
N GLY B 73 -13.73 5.68 -13.35
CA GLY B 73 -12.30 5.84 -13.26
C GLY B 73 -11.58 4.81 -14.13
N THR B 74 -10.26 4.89 -14.11
CA THR B 74 -9.41 3.91 -14.73
C THR B 74 -9.26 2.71 -13.82
N VAL B 75 -9.34 1.54 -14.42
CA VAL B 75 -9.13 0.26 -13.74
C VAL B 75 -8.10 -0.53 -14.46
N LEU B 76 -7.11 -1.09 -13.73
CA LEU B 76 -6.18 -2.05 -14.32
C LEU B 76 -6.64 -3.46 -13.98
N VAL B 77 -6.55 -4.38 -14.96
CA VAL B 77 -6.97 -5.75 -14.72
C VAL B 77 -5.78 -6.67 -14.95
N GLY B 78 -5.43 -7.45 -13.93
CA GLY B 78 -4.38 -8.43 -14.09
C GLY B 78 -4.24 -9.23 -12.81
N PRO B 79 -3.32 -10.22 -12.78
CA PRO B 79 -3.32 -11.26 -11.73
C PRO B 79 -2.69 -10.84 -10.41
N THR B 80 -3.12 -9.72 -9.85
CA THR B 80 -2.65 -9.26 -8.53
C THR B 80 -3.14 -10.28 -7.48
N PRO B 81 -2.31 -10.50 -6.43
CA PRO B 81 -2.71 -11.38 -5.31
C PRO B 81 -3.90 -10.84 -4.51
N VAL B 82 -4.03 -9.48 -4.51
CA VAL B 82 -5.05 -8.80 -3.72
C VAL B 82 -5.57 -7.65 -4.60
N ASN B 83 -6.88 -7.47 -4.66
CA ASN B 83 -7.41 -6.32 -5.40
C ASN B 83 -7.14 -5.07 -4.58
N VAL B 84 -6.79 -3.96 -5.24
CA VAL B 84 -6.47 -2.74 -4.53
C VAL B 84 -7.23 -1.55 -5.10
N ILE B 85 -7.73 -0.71 -4.20
CA ILE B 85 -8.28 0.60 -4.54
C ILE B 85 -7.17 1.60 -4.33
N GLY B 86 -6.74 2.25 -5.40
CA GLY B 86 -5.64 3.19 -5.31
C GLY B 86 -6.07 4.62 -5.12
N ARG B 87 -5.07 5.51 -5.10
CA ARG B 87 -5.36 6.93 -4.88
C ARG B 87 -6.19 7.55 -6.00
N ASP B 88 -6.08 7.04 -7.21
CA ASP B 88 -6.89 7.56 -8.30
C ASP B 88 -8.38 7.38 -8.01
N THR B 89 -8.83 6.32 -7.34
CA THR B 89 -10.22 6.17 -6.95
C THR B 89 -10.49 6.87 -5.61
N MET B 90 -9.54 6.76 -4.66
CA MET B 90 -9.83 7.31 -3.33
C MET B 90 -9.94 8.85 -3.35
N THR B 91 -9.17 9.52 -4.23
CA THR B 91 -9.31 11.00 -4.33
C THR B 91 -10.71 11.36 -4.80
N GLN B 92 -11.36 10.53 -5.62
CA GLN B 92 -12.68 10.82 -6.15
C GLN B 92 -13.71 10.76 -5.05
N ILE B 93 -13.45 10.10 -3.91
CA ILE B 93 -14.41 10.01 -2.82
C ILE B 93 -13.93 10.84 -1.63
N GLY B 94 -12.87 11.67 -1.81
CA GLY B 94 -12.42 12.63 -0.81
C GLY B 94 -11.75 11.98 0.38
N ALA B 95 -11.14 10.81 0.18
CA ALA B 95 -10.56 10.08 1.33
C ALA B 95 -9.37 10.82 1.91
N THR B 96 -9.21 10.72 3.23
CA THR B 96 -8.10 11.36 3.92
C THR B 96 -7.51 10.32 4.88
N LEU B 97 -6.26 10.56 5.23
CA LEU B 97 -5.59 9.82 6.29
CA LEU B 97 -5.52 9.83 6.28
C LEU B 97 -5.25 10.78 7.43
N ASN B 98 -5.65 10.37 8.64
N ASN B 98 -5.44 10.27 8.65
CA ASN B 98 -5.26 11.07 9.85
CA ASN B 98 -5.28 11.03 9.87
C ASN B 98 -4.11 10.25 10.47
C ASN B 98 -4.25 10.31 10.72
N PHE B 99 -3.11 10.97 10.99
CA PHE B 99 -2.00 10.29 11.70
C PHE B 99 -1.31 11.27 12.65
#